data_2AZM
#
_entry.id   2AZM
#
_cell.length_a   67.437
_cell.length_b   75.609
_cell.length_c   114.849
_cell.angle_alpha   90.00
_cell.angle_beta   90.00
_cell.angle_gamma   90.00
#
_symmetry.space_group_name_H-M   'P 21 21 21'
#
loop_
_entity.id
_entity.type
_entity.pdbx_description
1 polymer 'Mediator of DNA damage checkpoint protein 1'
2 polymer 'GAMMA-H2AX HISTONE'
3 water water
#
loop_
_entity_poly.entity_id
_entity_poly.type
_entity_poly.pdbx_seq_one_letter_code
_entity_poly.pdbx_strand_id
1 'polypeptide(L)'
;RTKLNQESTAPKVLFTGVVDARGERAVLALGGSLAGSAAEASHLVTDRIRRTVKFLCALGRGIPILSLDWLHQSRKAGFF
LPPDEYVVTDPEQEKNFGFSLQDALSRARERRLLEGYEIYVTPGVQPPPPQ(MSE)GEIISCCGGTYLPS(MSE)PRSYK
PQRVVITCPQDFPHCSIPLRVGLPLLSPEFLLTGVLKQEAKPEAFVLSPLE(MSE)SST
;
A,B
2 'polypeptide(L)' KKATQA(SEP)QEY C,D
#
# COMPACT_ATOMS: atom_id res chain seq x y z
N THR A 9 -26.43 -17.54 -16.06
CA THR A 9 -25.89 -18.26 -17.27
C THR A 9 -25.43 -19.68 -16.95
N ALA A 10 -25.34 -20.50 -18.00
CA ALA A 10 -24.96 -21.90 -17.89
C ALA A 10 -23.53 -22.06 -17.37
N PRO A 11 -23.31 -23.03 -16.48
CA PRO A 11 -21.99 -23.27 -15.90
C PRO A 11 -20.92 -23.55 -16.95
N LYS A 12 -19.70 -23.10 -16.66
CA LYS A 12 -18.51 -23.37 -17.48
C LYS A 12 -17.55 -24.13 -16.58
N VAL A 13 -17.52 -25.45 -16.75
CA VAL A 13 -16.96 -26.33 -15.73
C VAL A 13 -15.52 -26.73 -16.06
N LEU A 14 -14.64 -26.54 -15.08
CA LEU A 14 -13.25 -26.89 -15.23
C LEU A 14 -13.00 -28.19 -14.46
N PHE A 15 -12.07 -29.01 -14.94
CA PHE A 15 -11.62 -30.17 -14.17
C PHE A 15 -10.13 -30.02 -13.91
N THR A 16 -9.66 -30.59 -12.82
CA THR A 16 -8.22 -30.71 -12.64
C THR A 16 -7.85 -32.08 -12.04
N GLY A 17 -6.80 -32.70 -12.56
CA GLY A 17 -6.28 -33.95 -12.01
C GLY A 17 -7.15 -35.20 -12.20
N VAL A 18 -8.25 -35.06 -12.91
CA VAL A 18 -9.17 -36.18 -13.15
C VAL A 18 -9.57 -36.30 -14.61
N VAL A 19 -9.71 -37.54 -15.07
CA VAL A 19 -10.50 -37.83 -16.25
C VAL A 19 -11.85 -38.22 -15.63
N ASP A 20 -12.88 -37.45 -15.93
CA ASP A 20 -14.21 -37.73 -15.38
C ASP A 20 -15.17 -37.62 -16.57
N ALA A 21 -15.11 -38.64 -17.42
CA ALA A 21 -15.95 -38.73 -18.60
C ALA A 21 -17.44 -38.67 -18.25
N ARG A 22 -17.79 -39.32 -17.14
CA ARG A 22 -19.15 -39.31 -16.64
C ARG A 22 -19.59 -37.87 -16.34
N GLY A 23 -18.71 -37.12 -15.67
CA GLY A 23 -18.96 -35.72 -15.31
C GLY A 23 -18.98 -34.81 -16.52
N GLU A 24 -18.08 -35.04 -17.48
CA GLU A 24 -18.09 -34.29 -18.74
C GLU A 24 -19.40 -34.45 -19.50
N ARG A 25 -19.88 -35.69 -19.62
CA ARG A 25 -21.18 -35.96 -20.21
C ARG A 25 -22.31 -35.26 -19.48
N ALA A 26 -22.26 -35.30 -18.15
CA ALA A 26 -23.25 -34.57 -17.32
C ALA A 26 -23.25 -33.05 -17.61
N VAL A 27 -22.07 -32.46 -17.79
CA VAL A 27 -21.96 -31.02 -18.02
C VAL A 27 -22.69 -30.56 -19.29
N LEU A 28 -22.44 -31.24 -20.41
CA LEU A 28 -23.07 -30.87 -21.68
C LEU A 28 -24.56 -31.24 -21.70
N ALA A 29 -24.89 -32.39 -21.14
CA ALA A 29 -26.27 -32.89 -21.09
C ALA A 29 -27.17 -31.97 -20.27
N LEU A 30 -26.63 -31.40 -19.19
CA LEU A 30 -27.39 -30.52 -18.31
C LEU A 30 -27.42 -29.08 -18.79
N GLY A 31 -26.80 -28.85 -19.96
CA GLY A 31 -26.81 -27.55 -20.62
C GLY A 31 -25.68 -26.59 -20.27
N GLY A 32 -24.65 -27.07 -19.59
CA GLY A 32 -23.45 -26.27 -19.34
C GLY A 32 -22.39 -26.53 -20.40
N SER A 33 -21.21 -25.93 -20.23
CA SER A 33 -20.10 -26.16 -21.15
C SER A 33 -18.80 -26.40 -20.39
N LEU A 34 -17.79 -26.84 -21.11
CA LEU A 34 -16.48 -27.10 -20.58
C LEU A 34 -15.67 -25.81 -20.60
N ALA A 35 -15.19 -25.40 -19.42
CA ALA A 35 -14.33 -24.23 -19.32
C ALA A 35 -12.96 -24.49 -19.94
N GLY A 36 -12.49 -23.53 -20.74
CA GLY A 36 -11.21 -23.63 -21.43
C GLY A 36 -10.05 -23.18 -20.56
N SER A 37 -10.38 -22.54 -19.43
CA SER A 37 -9.39 -22.04 -18.48
C SER A 37 -10.06 -21.66 -17.17
N ALA A 38 -9.26 -21.57 -16.11
CA ALA A 38 -9.75 -21.18 -14.80
C ALA A 38 -10.42 -19.82 -14.83
N ALA A 39 -9.87 -18.90 -15.62
CA ALA A 39 -10.41 -17.54 -15.76
C ALA A 39 -11.83 -17.47 -16.33
N GLU A 40 -12.18 -18.40 -17.21
CA GLU A 40 -13.52 -18.42 -17.80
C GLU A 40 -14.47 -19.38 -17.07
N ALA A 41 -13.94 -20.13 -16.12
CA ALA A 41 -14.70 -21.15 -15.41
C ALA A 41 -15.60 -20.60 -14.30
N SER A 42 -16.76 -21.22 -14.14
CA SER A 42 -17.63 -20.93 -12.99
C SER A 42 -17.45 -21.96 -11.89
N HIS A 43 -16.97 -23.16 -12.26
CA HIS A 43 -16.89 -24.29 -11.32
C HIS A 43 -15.64 -25.10 -11.59
N LEU A 44 -14.99 -25.53 -10.52
CA LEU A 44 -13.90 -26.49 -10.65
C LEU A 44 -14.36 -27.79 -10.02
N VAL A 45 -14.20 -28.87 -10.80
CA VAL A 45 -14.50 -30.23 -10.37
C VAL A 45 -13.21 -31.06 -10.27
N THR A 46 -13.02 -31.73 -9.14
CA THR A 46 -11.86 -32.58 -8.87
C THR A 46 -12.13 -33.43 -7.64
N ASP A 47 -11.30 -34.45 -7.38
CA ASP A 47 -11.55 -35.42 -6.29
C ASP A 47 -10.71 -35.20 -5.02
N ARG A 48 -9.61 -34.46 -5.17
CA ARG A 48 -8.65 -34.21 -4.10
C ARG A 48 -8.07 -32.80 -4.23
N ILE A 49 -7.40 -32.35 -3.17
CA ILE A 49 -6.62 -31.13 -3.21
C ILE A 49 -5.27 -31.44 -3.83
N ARG A 50 -4.93 -30.70 -4.87
CA ARG A 50 -3.65 -30.81 -5.56
C ARG A 50 -3.15 -29.42 -5.87
N ARG A 51 -1.83 -29.20 -5.81
CA ARG A 51 -1.29 -27.91 -6.21
C ARG A 51 -1.04 -27.84 -7.73
N THR A 52 -2.11 -27.91 -8.50
CA THR A 52 -2.04 -27.69 -9.94
C THR A 52 -2.36 -26.21 -10.21
N VAL A 53 -1.96 -25.70 -11.37
CA VAL A 53 -2.31 -24.31 -11.76
C VAL A 53 -3.82 -24.05 -11.66
N LYS A 54 -4.61 -24.92 -12.26
CA LYS A 54 -6.07 -24.83 -12.21
C LYS A 54 -6.59 -24.81 -10.79
N PHE A 55 -6.07 -25.66 -9.91
CA PHE A 55 -6.57 -25.65 -8.53
C PHE A 55 -6.27 -24.32 -7.83
N LEU A 56 -5.02 -23.88 -7.90
CA LEU A 56 -4.62 -22.61 -7.31
C LEU A 56 -5.36 -21.43 -7.92
N CYS A 57 -5.50 -21.42 -9.25
CA CYS A 57 -6.27 -20.37 -9.90
C CYS A 57 -7.73 -20.33 -9.43
N ALA A 58 -8.36 -21.50 -9.38
CA ALA A 58 -9.77 -21.62 -9.00
C ALA A 58 -10.00 -21.15 -7.57
N LEU A 59 -9.07 -21.49 -6.68
CA LEU A 59 -9.10 -21.08 -5.29
C LEU A 59 -8.94 -19.56 -5.19
N GLY A 60 -7.97 -19.04 -5.94
CA GLY A 60 -7.69 -17.60 -5.98
C GLY A 60 -8.92 -16.77 -6.29
N ARG A 61 -9.68 -17.19 -7.29
CA ARG A 61 -10.93 -16.52 -7.66
C ARG A 61 -12.07 -16.84 -6.68
N GLY A 62 -11.90 -17.89 -5.88
CA GLY A 62 -12.94 -18.29 -4.93
C GLY A 62 -14.17 -18.88 -5.57
N ILE A 63 -14.04 -19.54 -6.72
CA ILE A 63 -15.16 -20.24 -7.34
C ILE A 63 -15.44 -21.56 -6.57
N PRO A 64 -16.63 -22.15 -6.75
CA PRO A 64 -16.88 -23.46 -6.12
C PRO A 64 -15.88 -24.51 -6.58
N ILE A 65 -15.27 -25.23 -5.62
CA ILE A 65 -14.39 -26.37 -5.90
C ILE A 65 -15.07 -27.65 -5.38
N LEU A 66 -15.56 -28.44 -6.32
CA LEU A 66 -16.50 -29.52 -6.00
C LEU A 66 -15.96 -30.89 -6.38
N SER A 67 -16.47 -31.90 -5.69
CA SER A 67 -16.13 -33.28 -5.91
C SER A 67 -16.84 -33.77 -7.16
N LEU A 68 -16.57 -35.02 -7.52
CA LEU A 68 -17.20 -35.66 -8.67
C LEU A 68 -18.69 -35.97 -8.45
N ASP A 69 -19.13 -35.96 -7.19
CA ASP A 69 -20.55 -36.22 -6.90
C ASP A 69 -21.49 -35.11 -7.37
N TRP A 70 -20.98 -33.90 -7.62
CA TRP A 70 -21.89 -32.80 -7.99
C TRP A 70 -22.56 -33.00 -9.33
N LEU A 71 -21.79 -33.34 -10.35
CA LEU A 71 -22.35 -33.54 -11.69
C LEU A 71 -23.09 -34.86 -11.80
N HIS A 72 -22.55 -35.91 -11.16
CA HIS A 72 -23.15 -37.23 -11.08
C HIS A 72 -24.55 -37.16 -10.52
N GLN A 73 -24.65 -36.53 -9.35
CA GLN A 73 -25.92 -36.36 -8.64
C GLN A 73 -26.83 -35.35 -9.35
N SER A 74 -26.23 -34.34 -9.97
CA SER A 74 -26.98 -33.39 -10.76
C SER A 74 -27.69 -34.10 -11.88
N ARG A 75 -27.01 -35.05 -12.52
CA ARG A 75 -27.57 -35.69 -13.70
C ARG A 75 -28.74 -36.64 -13.35
N LYS A 76 -28.65 -37.26 -12.17
CA LYS A 76 -29.77 -38.07 -11.64
C LYS A 76 -30.99 -37.20 -11.43
N ALA A 77 -30.76 -35.99 -10.95
CA ALA A 77 -31.84 -35.03 -10.69
C ALA A 77 -32.42 -34.42 -11.99
N GLY A 78 -31.58 -34.21 -13.00
CA GLY A 78 -32.03 -33.72 -14.29
C GLY A 78 -31.67 -32.26 -14.52
N PHE A 79 -30.96 -31.68 -13.53
CA PHE A 79 -30.57 -30.28 -13.58
C PHE A 79 -29.41 -30.04 -12.64
N PHE A 80 -28.66 -28.98 -12.89
CA PHE A 80 -27.56 -28.60 -12.00
C PHE A 80 -28.07 -28.38 -10.58
N LEU A 81 -27.57 -29.21 -9.67
CA LEU A 81 -27.90 -29.09 -8.26
C LEU A 81 -27.13 -27.91 -7.62
N PRO A 82 -27.61 -27.40 -6.46
CA PRO A 82 -26.84 -26.43 -5.67
C PRO A 82 -25.53 -27.04 -5.16
N PRO A 83 -24.42 -26.26 -5.22
CA PRO A 83 -23.05 -26.72 -4.97
C PRO A 83 -22.69 -27.06 -3.51
N ASP A 84 -23.47 -26.53 -2.57
CA ASP A 84 -23.15 -26.47 -1.14
C ASP A 84 -22.72 -27.81 -0.49
N GLU A 85 -23.42 -28.88 -0.81
CA GLU A 85 -23.07 -30.19 -0.23
C GLU A 85 -21.90 -30.93 -0.91
N TYR A 86 -21.39 -30.41 -2.03
CA TYR A 86 -20.38 -31.14 -2.82
C TYR A 86 -18.97 -30.58 -2.77
N VAL A 87 -18.74 -29.65 -1.85
CA VAL A 87 -17.41 -29.07 -1.61
C VAL A 87 -16.39 -30.20 -1.41
N VAL A 88 -15.25 -30.10 -2.08
CA VAL A 88 -14.17 -31.09 -1.94
C VAL A 88 -13.73 -31.16 -0.48
N THR A 89 -13.84 -32.33 0.11
CA THR A 89 -13.40 -32.55 1.47
C THR A 89 -12.23 -33.54 1.46
N ASP A 90 -11.03 -33.01 1.71
CA ASP A 90 -9.80 -33.78 1.65
C ASP A 90 -9.02 -33.59 2.97
N PRO A 91 -9.44 -34.30 4.03
CA PRO A 91 -8.83 -34.08 5.36
C PRO A 91 -7.34 -34.43 5.37
N GLU A 92 -6.96 -35.46 4.63
CA GLU A 92 -5.57 -35.88 4.47
C GLU A 92 -4.66 -34.75 3.93
N GLN A 93 -5.08 -34.10 2.84
CA GLN A 93 -4.31 -33.01 2.26
C GLN A 93 -4.44 -31.69 3.02
N GLU A 94 -5.59 -31.51 3.68
CA GLU A 94 -5.78 -30.34 4.53
C GLU A 94 -4.79 -30.38 5.69
N LYS A 95 -4.55 -31.60 6.19
CA LYS A 95 -3.56 -31.83 7.24
C LYS A 95 -2.14 -31.68 6.70
N ASN A 96 -1.87 -32.34 5.58
CA ASN A 96 -0.57 -32.24 4.88
C ASN A 96 -0.07 -30.81 4.63
N PHE A 97 -0.98 -29.91 4.24
CA PHE A 97 -0.62 -28.51 3.98
C PHE A 97 -0.96 -27.56 5.13
N GLY A 98 -1.63 -28.06 6.16
CA GLY A 98 -1.97 -27.27 7.35
C GLY A 98 -2.94 -26.13 7.09
N PHE A 99 -4.05 -26.44 6.41
CA PHE A 99 -5.07 -25.43 6.12
C PHE A 99 -6.46 -26.06 5.98
N SER A 100 -7.48 -25.23 5.84
CA SER A 100 -8.84 -25.65 5.54
C SER A 100 -9.29 -25.03 4.22
N LEU A 101 -9.62 -25.89 3.25
CA LEU A 101 -10.06 -25.44 1.92
C LEU A 101 -11.19 -24.42 2.00
N GLN A 102 -12.21 -24.74 2.78
CA GLN A 102 -13.40 -23.89 2.94
C GLN A 102 -13.08 -22.56 3.61
N ASP A 103 -12.19 -22.59 4.62
CA ASP A 103 -11.68 -21.38 5.25
C ASP A 103 -10.93 -20.54 4.23
N ALA A 104 -10.05 -21.20 3.47
CA ALA A 104 -9.29 -20.55 2.40
C ALA A 104 -10.18 -20.01 1.30
N LEU A 105 -11.27 -20.73 0.99
CA LEU A 105 -12.29 -20.28 0.04
C LEU A 105 -13.05 -19.05 0.49
N SER A 106 -13.44 -19.00 1.76
CA SER A 106 -14.11 -17.83 2.35
C SER A 106 -13.21 -16.58 2.27
N ARG A 107 -11.94 -16.77 2.63
CA ARG A 107 -10.96 -15.69 2.51
C ARG A 107 -10.93 -15.10 1.10
N ALA A 108 -10.83 -15.96 0.08
CA ALA A 108 -10.83 -15.53 -1.32
C ALA A 108 -12.13 -14.82 -1.71
N ARG A 109 -13.24 -15.28 -1.15
CA ARG A 109 -14.54 -14.68 -1.45
C ARG A 109 -14.75 -13.32 -0.79
N GLU A 110 -14.14 -13.13 0.38
CA GLU A 110 -14.20 -11.85 1.10
C GLU A 110 -13.22 -10.82 0.53
N ARG A 111 -11.98 -11.23 0.26
CA ARG A 111 -10.93 -10.34 -0.27
C ARG A 111 -10.10 -11.02 -1.36
N ARG A 112 -9.58 -10.20 -2.27
CA ARG A 112 -8.61 -10.66 -3.28
C ARG A 112 -7.25 -10.74 -2.61
N LEU A 113 -6.68 -11.94 -2.57
CA LEU A 113 -5.42 -12.17 -1.82
C LEU A 113 -4.29 -11.19 -2.16
N LEU A 114 -4.15 -10.88 -3.44
CA LEU A 114 -2.97 -10.18 -3.93
C LEU A 114 -3.32 -8.79 -4.41
N GLU A 115 -4.43 -8.25 -3.91
CA GLU A 115 -4.79 -6.87 -4.16
C GLU A 115 -3.59 -5.98 -3.81
N GLY A 116 -3.19 -5.15 -4.77
CA GLY A 116 -2.10 -4.18 -4.57
C GLY A 116 -0.70 -4.72 -4.86
N TYR A 117 -0.62 -6.02 -5.16
CA TYR A 117 0.65 -6.64 -5.52
C TYR A 117 0.96 -6.51 -6.99
N GLU A 118 2.23 -6.21 -7.26
CA GLU A 118 2.79 -6.28 -8.59
C GLU A 118 3.90 -7.34 -8.58
N ILE A 119 3.73 -8.38 -9.41
CA ILE A 119 4.61 -9.55 -9.32
C ILE A 119 5.25 -9.93 -10.64
N TYR A 120 6.58 -9.94 -10.60
CA TYR A 120 7.42 -10.40 -11.69
C TYR A 120 7.97 -11.81 -11.39
N VAL A 121 8.05 -12.65 -12.44
CA VAL A 121 8.50 -14.03 -12.34
C VAL A 121 9.67 -14.28 -13.31
N THR A 122 10.80 -14.78 -12.77
CA THR A 122 11.99 -15.05 -13.61
C THR A 122 11.82 -16.36 -14.40
N PRO A 123 12.51 -16.49 -15.57
CA PRO A 123 12.19 -17.51 -16.59
C PRO A 123 12.29 -18.98 -16.18
N GLY A 124 13.07 -19.27 -15.13
CA GLY A 124 13.30 -20.67 -14.73
C GLY A 124 12.42 -21.20 -13.60
N VAL A 125 11.55 -20.34 -13.09
CA VAL A 125 10.62 -20.69 -12.00
C VAL A 125 9.61 -21.74 -12.46
N GLN A 126 9.15 -22.56 -11.53
CA GLN A 126 8.10 -23.55 -11.78
C GLN A 126 6.95 -23.31 -10.81
N PRO A 127 5.72 -23.14 -11.32
CA PRO A 127 5.30 -23.11 -12.73
C PRO A 127 5.86 -21.90 -13.50
N PRO A 128 6.04 -22.02 -14.82
CA PRO A 128 6.70 -20.96 -15.61
C PRO A 128 5.95 -19.60 -15.54
N PRO A 129 6.64 -18.49 -15.86
CA PRO A 129 6.03 -17.16 -15.71
C PRO A 129 4.56 -17.00 -16.17
N PRO A 130 4.21 -17.40 -17.42
CA PRO A 130 2.80 -17.25 -17.85
C PRO A 130 1.78 -17.95 -16.93
N GLN A 131 2.08 -19.18 -16.51
CA GLN A 131 1.19 -19.94 -15.62
C GLN A 131 1.21 -19.42 -14.19
N GLY A 133 1.73 -16.39 -13.69
CA GLY A 133 0.99 -15.18 -13.97
C GLY A 133 -0.51 -15.32 -13.88
N GLU A 134 -1.04 -16.48 -14.28
CA GLU A 134 -2.49 -16.66 -14.24
C GLU A 134 -2.96 -16.94 -12.81
N ILE A 135 -2.10 -17.56 -12.00
CA ILE A 135 -2.35 -17.68 -10.56
C ILE A 135 -2.36 -16.30 -9.86
N ILE A 136 -1.41 -15.43 -10.23
CA ILE A 136 -1.33 -14.06 -9.70
C ILE A 136 -2.60 -13.26 -10.06
N SER A 137 -2.98 -13.29 -11.33
CA SER A 137 -4.16 -12.53 -11.81
C SER A 137 -5.45 -12.99 -11.12
N CYS A 138 -5.57 -14.30 -10.92
CA CYS A 138 -6.75 -14.91 -10.31
C CYS A 138 -6.91 -14.51 -8.84
N CYS A 139 -5.80 -14.14 -8.19
CA CYS A 139 -5.81 -13.59 -6.82
C CYS A 139 -5.89 -12.05 -6.74
N GLY A 140 -6.21 -11.41 -7.86
CA GLY A 140 -6.35 -9.95 -7.87
C GLY A 140 -5.04 -9.17 -7.89
N GLY A 141 -3.92 -9.87 -8.09
CA GLY A 141 -2.62 -9.24 -8.25
C GLY A 141 -2.37 -8.82 -9.69
N THR A 142 -1.35 -7.97 -9.87
CA THR A 142 -0.94 -7.56 -11.20
C THR A 142 0.31 -8.34 -11.61
N TYR A 143 0.14 -9.16 -12.65
CA TYR A 143 1.25 -9.92 -13.22
C TYR A 143 2.11 -9.00 -14.07
N LEU A 144 3.39 -8.95 -13.74
CA LEU A 144 4.35 -8.10 -14.42
C LEU A 144 5.11 -8.90 -15.48
N PRO A 145 4.72 -8.78 -16.76
CA PRO A 145 5.50 -9.52 -17.78
C PRO A 145 6.83 -8.86 -18.14
N SER A 146 6.96 -7.58 -17.78
CA SER A 146 8.18 -6.83 -18.03
C SER A 146 8.95 -6.62 -16.73
N PRO A 148 10.54 -5.07 -13.77
CA PRO A 148 10.38 -3.81 -13.03
C PRO A 148 11.73 -3.13 -12.77
N ARG A 149 11.77 -1.80 -12.84
CA ARG A 149 13.03 -1.05 -12.75
C ARG A 149 13.04 0.02 -11.65
N SER A 150 12.10 -0.10 -10.73
CA SER A 150 12.02 0.80 -9.57
C SER A 150 11.34 0.04 -8.44
N TYR A 151 11.57 0.54 -7.22
CA TYR A 151 10.96 0.01 -6.02
C TYR A 151 9.55 0.56 -5.86
N LYS A 152 8.64 -0.31 -5.46
CA LYS A 152 7.32 0.07 -5.02
C LYS A 152 6.93 -0.94 -3.94
N PRO A 153 6.18 -0.49 -2.90
CA PRO A 153 5.63 -1.47 -1.93
C PRO A 153 4.78 -2.56 -2.59
N GLN A 154 4.95 -3.79 -2.11
CA GLN A 154 4.16 -4.92 -2.60
C GLN A 154 4.51 -5.29 -4.03
N ARG A 155 5.60 -4.71 -4.54
CA ARG A 155 6.21 -5.11 -5.82
C ARG A 155 7.30 -6.14 -5.55
N VAL A 156 7.04 -7.38 -5.95
CA VAL A 156 7.91 -8.51 -5.61
C VAL A 156 8.39 -9.28 -6.84
N VAL A 157 9.53 -9.94 -6.70
CA VAL A 157 10.05 -10.80 -7.76
C VAL A 157 10.11 -12.26 -7.27
N ILE A 158 9.45 -13.14 -8.03
CA ILE A 158 9.53 -14.58 -7.78
C ILE A 158 10.70 -15.14 -8.59
N THR A 159 11.65 -15.76 -7.91
CA THR A 159 12.84 -16.28 -8.59
C THR A 159 13.34 -17.60 -8.01
N CYS A 160 14.48 -18.08 -8.51
CA CYS A 160 15.08 -19.34 -8.07
C CYS A 160 16.59 -19.28 -8.28
N PRO A 161 17.37 -20.11 -7.54
CA PRO A 161 18.84 -20.15 -7.58
C PRO A 161 19.48 -20.03 -8.96
N GLN A 162 18.98 -20.74 -9.96
CA GLN A 162 19.55 -20.73 -11.30
C GLN A 162 19.18 -19.46 -12.12
N ASP A 163 18.30 -18.62 -11.57
CA ASP A 163 17.92 -17.38 -12.21
C ASP A 163 18.69 -16.16 -11.69
N PHE A 164 19.84 -16.37 -11.06
CA PHE A 164 20.62 -15.25 -10.51
C PHE A 164 20.98 -14.16 -11.54
N PRO A 165 21.25 -14.54 -12.82
CA PRO A 165 21.50 -13.46 -13.81
C PRO A 165 20.26 -12.56 -14.02
N HIS A 166 19.07 -13.09 -13.74
CA HIS A 166 17.83 -12.31 -13.91
C HIS A 166 17.49 -11.41 -12.71
N CYS A 167 18.15 -11.66 -11.57
CA CYS A 167 17.93 -10.90 -10.35
C CYS A 167 18.75 -9.59 -10.34
N SER A 168 19.59 -9.43 -11.35
CA SER A 168 20.47 -8.26 -11.46
C SER A 168 19.76 -6.93 -11.21
N ILE A 169 18.67 -6.67 -11.93
CA ILE A 169 17.96 -5.39 -11.78
C ILE A 169 17.22 -5.29 -10.45
N PRO A 170 16.35 -6.29 -10.12
CA PRO A 170 15.65 -6.27 -8.84
C PRO A 170 16.59 -5.96 -7.67
N LEU A 171 17.72 -6.67 -7.61
CA LEU A 171 18.79 -6.45 -6.65
C LEU A 171 19.35 -5.04 -6.62
N ARG A 172 19.58 -4.44 -7.79
CA ARG A 172 20.00 -3.04 -7.86
C ARG A 172 18.95 -2.06 -7.30
N VAL A 173 17.67 -2.32 -7.60
CA VAL A 173 16.61 -1.40 -7.22
C VAL A 173 15.95 -1.70 -5.87
N GLY A 174 16.38 -2.78 -5.21
CA GLY A 174 15.94 -3.10 -3.86
C GLY A 174 14.62 -3.84 -3.76
N LEU A 175 14.30 -4.62 -4.80
CA LEU A 175 13.08 -5.41 -4.80
C LEU A 175 13.33 -6.72 -4.08
N PRO A 176 12.33 -7.20 -3.30
CA PRO A 176 12.49 -8.53 -2.65
C PRO A 176 12.50 -9.70 -3.65
N LEU A 177 13.41 -10.64 -3.41
CA LEU A 177 13.45 -11.89 -4.17
C LEU A 177 12.83 -13.00 -3.34
N LEU A 178 11.75 -13.56 -3.86
CA LEU A 178 11.00 -14.56 -3.13
C LEU A 178 10.97 -15.89 -3.86
N SER A 179 10.83 -16.94 -3.05
CA SER A 179 10.60 -18.29 -3.52
C SER A 179 9.20 -18.44 -4.10
N PRO A 180 9.04 -19.30 -5.14
CA PRO A 180 7.72 -19.70 -5.66
C PRO A 180 6.70 -20.08 -4.58
N GLU A 181 7.17 -20.64 -3.47
CA GLU A 181 6.28 -21.05 -2.37
C GLU A 181 5.48 -19.89 -1.75
N PHE A 182 5.98 -18.67 -1.90
CA PHE A 182 5.19 -17.49 -1.51
C PHE A 182 3.80 -17.59 -2.12
N LEU A 183 3.75 -17.97 -3.40
CA LEU A 183 2.48 -18.15 -4.13
C LEU A 183 1.90 -19.54 -3.98
N LEU A 184 2.71 -20.57 -4.18
CA LEU A 184 2.26 -21.96 -4.10
C LEU A 184 1.68 -22.35 -2.73
N THR A 185 2.33 -21.90 -1.64
CA THR A 185 1.77 -22.08 -0.29
C THR A 185 0.77 -20.96 0.06
N GLY A 186 1.07 -19.73 -0.34
CA GLY A 186 0.24 -18.58 0.01
C GLY A 186 -1.14 -18.59 -0.61
N VAL A 187 -1.22 -18.93 -1.90
CA VAL A 187 -2.52 -18.99 -2.57
C VAL A 187 -3.36 -20.14 -2.00
N LEU A 188 -2.70 -21.26 -1.71
CA LEU A 188 -3.39 -22.44 -1.22
C LEU A 188 -4.06 -22.17 0.14
N LYS A 189 -3.33 -21.57 1.07
CA LYS A 189 -3.90 -21.19 2.37
C LYS A 189 -4.73 -19.89 2.29
N GLN A 190 -4.60 -19.18 1.17
CA GLN A 190 -5.10 -17.82 1.06
C GLN A 190 -4.58 -16.92 2.19
N GLU A 191 -3.29 -17.03 2.44
CA GLU A 191 -2.58 -16.18 3.39
C GLU A 191 -1.25 -15.71 2.81
N ALA A 192 -1.14 -14.40 2.58
CA ALA A 192 0.05 -13.77 2.00
C ALA A 192 1.09 -13.34 3.05
N LYS A 193 2.21 -14.06 3.08
CA LYS A 193 3.31 -13.77 4.02
C LYS A 193 4.62 -13.55 3.27
N PRO A 194 4.83 -12.35 2.71
CA PRO A 194 6.07 -12.14 1.93
C PRO A 194 7.35 -12.22 2.78
N GLU A 195 7.25 -11.85 4.06
CA GLU A 195 8.37 -11.90 5.00
C GLU A 195 8.97 -13.31 5.15
N ALA A 196 8.14 -14.34 5.00
CA ALA A 196 8.54 -15.72 5.29
C ALA A 196 9.13 -16.46 4.09
N PHE A 197 9.13 -15.81 2.93
CA PHE A 197 9.57 -16.50 1.74
C PHE A 197 10.70 -15.80 0.99
N VAL A 198 11.36 -14.90 1.70
CA VAL A 198 12.51 -14.17 1.19
C VAL A 198 13.67 -15.13 1.01
N LEU A 199 14.25 -15.12 -0.19
CA LEU A 199 15.36 -16.01 -0.54
C LEU A 199 16.69 -15.57 0.09
N SER A 200 17.35 -16.54 0.73
CA SER A 200 18.65 -16.34 1.38
C SER A 200 19.81 -16.69 0.42
N PRO A 201 21.02 -16.18 0.73
CA PRO A 201 22.23 -16.47 -0.06
C PRO A 201 22.56 -17.95 -0.10
N THR B 9 22.77 7.05 18.65
CA THR B 9 21.29 7.21 18.61
C THR B 9 20.74 6.83 17.23
N ALA B 10 20.08 5.69 17.16
CA ALA B 10 19.54 5.16 15.91
C ALA B 10 18.34 5.96 15.40
N PRO B 11 18.18 6.04 14.06
CA PRO B 11 17.07 6.77 13.41
C PRO B 11 15.70 6.45 13.96
N LYS B 12 14.88 7.50 14.15
CA LYS B 12 13.47 7.34 14.45
C LYS B 12 12.73 7.80 13.20
N VAL B 13 12.13 6.84 12.52
CA VAL B 13 11.71 7.03 11.14
C VAL B 13 10.20 7.08 11.03
N LEU B 14 9.73 8.12 10.37
CA LEU B 14 8.31 8.34 10.15
C LEU B 14 7.99 8.19 8.67
N PHE B 15 6.78 7.75 8.35
CA PHE B 15 6.33 7.64 6.97
C PHE B 15 5.13 8.55 6.71
N THR B 16 5.10 9.15 5.52
CA THR B 16 3.88 9.87 5.12
C THR B 16 3.45 9.62 3.66
N GLY B 17 2.15 9.50 3.46
CA GLY B 17 1.57 9.44 2.12
C GLY B 17 1.65 8.08 1.48
N VAL B 18 2.41 7.17 2.10
CA VAL B 18 2.61 5.81 1.61
C VAL B 18 2.74 4.88 2.80
N VAL B 19 2.31 3.64 2.63
CA VAL B 19 2.60 2.60 3.60
C VAL B 19 3.50 1.55 2.94
N ASP B 20 4.66 1.34 3.57
CA ASP B 20 5.72 0.51 3.04
C ASP B 20 6.14 -0.45 4.15
N ALA B 21 5.44 -1.57 4.25
CA ALA B 21 5.65 -2.55 5.33
C ALA B 21 7.06 -3.13 5.38
N ARG B 22 7.63 -3.39 4.20
CA ARG B 22 9.03 -3.83 4.07
C ARG B 22 10.03 -2.76 4.55
N GLY B 23 9.73 -1.50 4.23
CA GLY B 23 10.49 -0.36 4.72
C GLY B 23 10.45 -0.27 6.24
N GLU B 24 9.25 -0.45 6.81
CA GLU B 24 9.07 -0.49 8.27
C GLU B 24 9.92 -1.59 8.89
N ARG B 25 9.88 -2.78 8.31
CA ARG B 25 10.67 -3.89 8.79
C ARG B 25 12.17 -3.60 8.69
N ALA B 26 12.57 -2.94 7.60
CA ALA B 26 13.97 -2.55 7.37
C ALA B 26 14.50 -1.59 8.42
N VAL B 27 13.68 -0.60 8.83
CA VAL B 27 14.02 0.27 9.97
C VAL B 27 14.43 -0.56 11.19
N LEU B 28 13.57 -1.50 11.59
CA LEU B 28 13.78 -2.29 12.80
C LEU B 28 15.00 -3.21 12.69
N ALA B 29 15.13 -3.89 11.54
CA ALA B 29 16.24 -4.84 11.31
C ALA B 29 17.59 -4.13 11.40
N LEU B 30 17.58 -2.86 11.03
CA LEU B 30 18.76 -2.03 10.95
C LEU B 30 19.10 -1.38 12.29
N GLY B 31 18.20 -1.53 13.27
CA GLY B 31 18.45 -1.04 14.63
C GLY B 31 17.77 0.27 14.97
N GLY B 32 17.05 0.83 14.01
CA GLY B 32 16.31 2.08 14.21
C GLY B 32 14.94 1.82 14.79
N SER B 33 14.16 2.89 14.96
CA SER B 33 12.80 2.75 15.47
C SER B 33 11.78 3.52 14.64
N LEU B 34 10.53 3.07 14.70
CA LEU B 34 9.45 3.74 14.01
C LEU B 34 8.93 4.89 14.88
N ALA B 35 9.11 6.12 14.39
CA ALA B 35 8.69 7.31 15.11
C ALA B 35 7.16 7.36 15.22
N GLY B 36 6.68 7.91 16.33
CA GLY B 36 5.24 8.02 16.59
C GLY B 36 4.64 9.28 16.00
N SER B 37 5.43 10.35 15.93
CA SER B 37 4.99 11.63 15.38
C SER B 37 6.16 12.38 14.73
N ALA B 38 5.84 13.46 14.03
CA ALA B 38 6.83 14.28 13.36
C ALA B 38 7.79 14.96 14.36
N ALA B 39 7.28 15.31 15.53
CA ALA B 39 8.07 15.94 16.57
C ALA B 39 9.17 15.04 17.11
N GLU B 40 8.94 13.71 17.06
CA GLU B 40 9.94 12.71 17.51
C GLU B 40 10.91 12.29 16.40
N ALA B 41 10.45 12.34 15.16
CA ALA B 41 11.20 11.82 14.02
C ALA B 41 12.57 12.45 13.83
N SER B 42 13.53 11.63 13.43
CA SER B 42 14.81 12.12 12.95
C SER B 42 14.81 12.11 11.42
N HIS B 43 13.93 11.28 10.84
CA HIS B 43 13.85 11.12 9.38
C HIS B 43 12.42 10.89 8.94
N LEU B 44 12.07 11.48 7.80
CA LEU B 44 10.77 11.27 7.17
C LEU B 44 10.94 10.52 5.86
N VAL B 45 10.18 9.45 5.69
CA VAL B 45 10.19 8.70 4.45
C VAL B 45 8.85 8.83 3.70
N THR B 46 8.94 9.23 2.43
CA THR B 46 7.78 9.30 1.53
C THR B 46 8.16 9.08 0.06
N ASP B 47 7.15 8.98 -0.81
CA ASP B 47 7.39 8.82 -2.25
C ASP B 47 7.32 10.11 -3.07
N ARG B 48 6.55 11.10 -2.63
CA ARG B 48 6.37 12.32 -3.39
C ARG B 48 6.24 13.47 -2.42
N ILE B 49 6.26 14.69 -2.94
CA ILE B 49 5.86 15.83 -2.13
C ILE B 49 4.34 15.81 -2.03
N ARG B 50 3.86 15.74 -0.80
CA ARG B 50 2.43 15.78 -0.48
C ARG B 50 2.29 16.73 0.69
N ARG B 51 1.21 17.51 0.71
CA ARG B 51 0.93 18.38 1.84
C ARG B 51 0.15 17.66 2.94
N THR B 52 0.75 16.64 3.53
CA THR B 52 0.18 16.05 4.71
C THR B 52 0.68 16.83 5.93
N VAL B 53 0.09 16.54 7.09
CA VAL B 53 0.52 17.17 8.33
C VAL B 53 1.95 16.73 8.70
N LYS B 54 2.25 15.45 8.52
CA LYS B 54 3.62 14.96 8.81
C LYS B 54 4.70 15.63 7.94
N PHE B 55 4.41 15.80 6.64
CA PHE B 55 5.33 16.41 5.70
C PHE B 55 5.65 17.85 6.08
N LEU B 56 4.61 18.62 6.38
CA LEU B 56 4.80 20.03 6.71
C LEU B 56 5.52 20.16 8.03
N CYS B 57 5.20 19.25 8.96
CA CYS B 57 5.82 19.20 10.27
C CYS B 57 7.31 18.84 10.18
N ALA B 58 7.61 17.84 9.35
CA ALA B 58 8.98 17.43 9.08
C ALA B 58 9.77 18.53 8.38
N LEU B 59 9.14 19.19 7.41
CA LEU B 59 9.80 20.28 6.72
C LEU B 59 10.08 21.46 7.68
N GLY B 60 9.05 21.83 8.44
CA GLY B 60 9.21 22.85 9.47
C GLY B 60 10.33 22.56 10.47
N ARG B 61 10.50 21.29 10.83
CA ARG B 61 11.59 20.89 11.74
C ARG B 61 12.94 20.75 11.04
N GLY B 62 12.93 20.71 9.71
CA GLY B 62 14.17 20.61 8.92
C GLY B 62 14.81 19.22 8.92
N ILE B 63 14.03 18.19 9.22
CA ILE B 63 14.54 16.83 9.19
C ILE B 63 14.59 16.33 7.74
N PRO B 64 15.53 15.43 7.43
CA PRO B 64 15.57 14.92 6.05
C PRO B 64 14.26 14.25 5.63
N ILE B 65 13.86 14.55 4.40
CA ILE B 65 12.71 13.93 3.74
C ILE B 65 13.26 13.05 2.60
N LEU B 66 13.10 11.75 2.74
CA LEU B 66 13.82 10.78 1.93
C LEU B 66 12.86 9.87 1.19
N SER B 67 13.32 9.39 0.04
CA SER B 67 12.55 8.48 -0.80
C SER B 67 12.46 7.10 -0.18
N LEU B 68 11.72 6.22 -0.83
CA LEU B 68 11.58 4.84 -0.40
C LEU B 68 12.87 4.05 -0.58
N ASP B 69 13.73 4.50 -1.49
CA ASP B 69 14.99 3.79 -1.81
C ASP B 69 15.94 3.74 -0.64
N TRP B 70 15.90 4.78 0.20
CA TRP B 70 16.83 4.91 1.33
C TRP B 70 16.86 3.67 2.22
N LEU B 71 15.68 3.23 2.65
CA LEU B 71 15.60 2.08 3.54
C LEU B 71 15.99 0.74 2.91
N HIS B 72 15.74 0.58 1.60
CA HIS B 72 15.96 -0.70 0.93
C HIS B 72 17.38 -0.90 0.44
N GLN B 73 18.01 0.19 0.00
CA GLN B 73 19.43 0.20 -0.25
C GLN B 73 20.18 0.05 1.08
N SER B 74 19.63 0.64 2.14
CA SER B 74 20.21 0.54 3.48
C SER B 74 20.21 -0.88 4.04
N ARG B 75 19.08 -1.58 3.88
CA ARG B 75 19.03 -2.98 4.31
C ARG B 75 19.96 -3.88 3.47
N LYS B 76 20.11 -3.57 2.19
CA LYS B 76 21.14 -4.21 1.35
C LYS B 76 22.56 -3.99 1.90
N ALA B 77 22.90 -2.74 2.25
CA ALA B 77 24.22 -2.42 2.80
C ALA B 77 24.42 -2.94 4.23
N GLY B 78 23.32 -3.15 4.96
CA GLY B 78 23.35 -3.55 6.36
C GLY B 78 23.60 -2.43 7.37
N PHE B 79 23.40 -1.19 6.94
CA PHE B 79 23.51 0.00 7.79
C PHE B 79 22.77 1.15 7.09
N PHE B 80 22.48 2.23 7.81
CA PHE B 80 21.77 3.39 7.22
C PHE B 80 22.69 4.20 6.34
N LEU B 81 22.33 4.28 5.07
CA LEU B 81 23.07 5.07 4.09
C LEU B 81 22.86 6.55 4.32
N PRO B 82 23.71 7.40 3.70
CA PRO B 82 23.56 8.85 3.86
C PRO B 82 22.23 9.36 3.29
N PRO B 83 21.45 10.06 4.13
CA PRO B 83 20.20 10.69 3.73
C PRO B 83 20.35 11.52 2.47
N ASP B 84 21.46 12.26 2.36
CA ASP B 84 21.66 13.20 1.25
C ASP B 84 21.56 12.52 -0.11
N GLU B 85 21.81 11.22 -0.13
CA GLU B 85 21.78 10.43 -1.36
C GLU B 85 20.38 9.99 -1.77
N TYR B 86 19.38 10.23 -0.92
CA TYR B 86 18.02 9.70 -1.16
C TYR B 86 16.92 10.71 -0.90
N VAL B 87 17.24 11.99 -1.04
CA VAL B 87 16.28 13.06 -0.81
C VAL B 87 15.19 12.98 -1.87
N VAL B 88 13.95 13.21 -1.46
CA VAL B 88 12.83 13.20 -2.38
C VAL B 88 13.12 14.20 -3.48
N THR B 89 13.06 13.74 -4.73
CA THR B 89 13.18 14.62 -5.88
C THR B 89 11.86 14.51 -6.64
N ASP B 90 11.07 15.58 -6.62
CA ASP B 90 9.72 15.56 -7.21
C ASP B 90 9.55 16.86 -7.98
N PRO B 91 10.11 16.93 -9.21
CA PRO B 91 10.06 18.15 -10.02
C PRO B 91 8.62 18.59 -10.35
N GLU B 92 7.74 17.61 -10.58
CA GLU B 92 6.31 17.88 -10.84
C GLU B 92 5.65 18.69 -9.71
N GLN B 93 5.83 18.27 -8.47
CA GLN B 93 5.27 19.01 -7.34
C GLN B 93 6.04 20.28 -7.03
N GLU B 94 7.32 20.31 -7.40
CA GLU B 94 8.14 21.51 -7.28
C GLU B 94 7.73 22.57 -8.29
N LYS B 95 7.23 22.12 -9.44
CA LYS B 95 6.63 23.00 -10.44
C LYS B 95 5.25 23.49 -9.95
N ASN B 96 4.39 22.54 -9.54
CA ASN B 96 3.07 22.85 -8.99
C ASN B 96 3.09 23.96 -7.94
N PHE B 97 3.89 23.78 -6.89
CA PHE B 97 3.93 24.73 -5.78
C PHE B 97 4.95 25.85 -5.96
N GLY B 98 5.79 25.75 -7.00
CA GLY B 98 6.82 26.75 -7.27
C GLY B 98 7.84 26.87 -6.15
N PHE B 99 8.53 25.78 -5.86
CA PHE B 99 9.49 25.76 -4.75
C PHE B 99 10.53 24.64 -4.88
N SER B 100 11.65 24.83 -4.17
CA SER B 100 12.66 23.79 -4.07
C SER B 100 12.68 23.23 -2.66
N LEU B 101 12.46 21.92 -2.57
CA LEU B 101 12.44 21.19 -1.30
C LEU B 101 13.76 21.29 -0.55
N GLN B 102 14.86 21.17 -1.31
CA GLN B 102 16.21 21.42 -0.80
C GLN B 102 16.33 22.80 -0.17
N ASP B 103 15.97 23.83 -0.95
CA ASP B 103 16.06 25.23 -0.51
C ASP B 103 15.20 25.49 0.71
N ALA B 104 14.00 24.91 0.72
CA ALA B 104 13.08 25.05 1.85
C ALA B 104 13.64 24.41 3.12
N LEU B 105 14.26 23.24 2.98
CA LEU B 105 14.88 22.54 4.12
C LEU B 105 16.13 23.27 4.62
N SER B 106 16.86 23.91 3.70
CA SER B 106 17.99 24.76 4.08
C SER B 106 17.52 25.91 4.97
N ARG B 107 16.33 26.43 4.67
CA ARG B 107 15.77 27.57 5.43
C ARG B 107 15.38 27.15 6.84
N ALA B 108 14.67 26.03 6.97
CA ALA B 108 14.31 25.49 8.28
C ALA B 108 15.53 25.12 9.07
N ARG B 109 16.63 24.85 8.38
CA ARG B 109 17.91 24.60 9.02
C ARG B 109 18.61 25.90 9.45
N GLU B 110 18.50 26.93 8.62
CA GLU B 110 18.96 28.28 8.98
C GLU B 110 18.17 28.81 10.17
N ARG B 111 16.84 28.75 10.11
CA ARG B 111 15.97 29.25 11.20
C ARG B 111 14.53 28.69 11.27
N ARG B 112 13.96 28.78 12.47
CA ARG B 112 12.54 28.50 12.71
C ARG B 112 11.69 29.53 11.99
N LEU B 113 10.75 29.04 11.18
CA LEU B 113 9.96 29.89 10.30
C LEU B 113 9.08 30.86 11.08
N LEU B 114 8.45 30.32 12.11
CA LEU B 114 7.44 31.04 12.90
C LEU B 114 7.95 31.43 14.29
N GLU B 115 9.26 31.65 14.39
CA GLU B 115 9.82 32.26 15.60
C GLU B 115 9.10 33.60 15.86
N GLY B 116 8.59 33.77 17.07
CA GLY B 116 7.97 35.02 17.49
C GLY B 116 6.46 35.10 17.25
N TYR B 117 5.95 34.23 16.38
CA TYR B 117 4.52 34.17 16.06
C TYR B 117 3.66 33.54 17.15
N GLU B 118 2.46 34.09 17.34
CA GLU B 118 1.43 33.45 18.16
C GLU B 118 0.17 33.28 17.30
N ILE B 119 -0.31 32.05 17.17
CA ILE B 119 -1.32 31.73 16.18
C ILE B 119 -2.48 30.98 16.77
N TYR B 120 -3.65 31.61 16.73
CA TYR B 120 -4.92 30.97 17.04
C TYR B 120 -5.53 30.46 15.73
N VAL B 121 -6.17 29.30 15.82
CA VAL B 121 -6.78 28.68 14.64
C VAL B 121 -8.25 28.42 14.91
N THR B 122 -9.04 29.00 14.04
CA THR B 122 -10.47 28.99 14.09
C THR B 122 -11.03 27.56 13.87
N PRO B 123 -12.14 27.20 14.57
CA PRO B 123 -12.57 25.81 14.70
C PRO B 123 -12.81 24.99 13.43
N GLY B 124 -13.22 25.64 12.33
CA GLY B 124 -13.56 24.91 11.11
C GLY B 124 -12.46 24.83 10.08
N VAL B 125 -11.24 25.22 10.47
CA VAL B 125 -10.11 25.26 9.56
C VAL B 125 -9.61 23.85 9.23
N GLN B 126 -9.16 23.66 8.00
CA GLN B 126 -8.51 22.41 7.56
C GLN B 126 -7.04 22.65 7.17
N PRO B 127 -6.10 21.85 7.71
CA PRO B 127 -6.30 20.80 8.73
C PRO B 127 -6.82 21.36 10.06
N PRO B 128 -7.53 20.53 10.85
CA PRO B 128 -8.10 20.94 12.12
C PRO B 128 -7.08 21.62 13.04
N PRO B 129 -7.53 22.55 13.89
CA PRO B 129 -6.75 23.30 14.90
C PRO B 129 -5.62 22.56 15.66
N PRO B 130 -5.90 21.37 16.24
CA PRO B 130 -4.74 20.70 16.86
C PRO B 130 -3.64 20.31 15.84
N GLN B 131 -4.04 19.80 14.68
CA GLN B 131 -3.12 19.41 13.61
C GLN B 131 -2.37 20.62 13.06
N GLY B 133 -1.88 23.19 14.94
CA GLY B 133 -1.04 23.51 16.09
C GLY B 133 0.32 22.82 16.10
N GLU B 134 0.33 21.57 15.62
CA GLU B 134 1.57 20.80 15.48
C GLU B 134 2.49 21.40 14.43
N ILE B 135 1.92 21.79 13.28
CA ILE B 135 2.65 22.47 12.23
C ILE B 135 3.27 23.75 12.79
N ILE B 136 2.48 24.47 13.60
CA ILE B 136 2.93 25.71 14.22
C ILE B 136 4.14 25.47 15.14
N SER B 137 4.00 24.53 16.09
CA SER B 137 5.06 24.19 17.03
C SER B 137 6.32 23.71 16.34
N CYS B 138 6.15 22.92 15.28
CA CYS B 138 7.25 22.43 14.44
C CYS B 138 7.99 23.52 13.67
N CYS B 139 7.36 24.65 13.43
CA CYS B 139 8.03 25.78 12.81
C CYS B 139 8.50 26.81 13.85
N GLY B 140 8.50 26.40 15.11
CA GLY B 140 9.04 27.22 16.19
C GLY B 140 8.10 28.31 16.65
N GLY B 141 6.86 28.28 16.15
CA GLY B 141 5.83 29.24 16.55
C GLY B 141 5.17 28.74 17.81
N THR B 142 4.30 29.56 18.40
CA THR B 142 3.45 29.07 19.49
C THR B 142 1.97 28.98 19.11
N TYR B 143 1.35 27.88 19.51
CA TYR B 143 -0.04 27.64 19.20
C TYR B 143 -0.94 28.12 20.34
N LEU B 144 -1.90 28.98 19.99
CA LEU B 144 -2.91 29.47 20.93
C LEU B 144 -4.22 28.68 20.76
N PRO B 145 -4.57 27.84 21.75
CA PRO B 145 -5.86 27.14 21.69
C PRO B 145 -7.06 28.05 22.03
N SER B 146 -6.81 29.25 22.54
CA SER B 146 -7.90 30.18 22.85
C SER B 146 -7.82 31.47 22.05
N PRO B 148 -7.25 34.95 21.07
CA PRO B 148 -6.52 36.10 21.60
C PRO B 148 -7.47 37.26 21.90
N ARG B 149 -7.18 38.00 22.96
CA ARG B 149 -8.04 39.13 23.27
C ARG B 149 -7.33 40.47 23.20
N SER B 150 -6.00 40.41 23.05
CA SER B 150 -5.16 41.60 22.95
C SER B 150 -4.24 41.56 21.73
N TYR B 151 -3.91 42.72 21.19
CA TYR B 151 -3.00 42.79 20.07
C TYR B 151 -1.57 42.57 20.53
N LYS B 152 -0.81 41.92 19.66
CA LYS B 152 0.63 41.84 19.76
C LYS B 152 1.15 41.64 18.32
N PRO B 153 2.24 42.32 17.95
CA PRO B 153 2.76 42.03 16.60
C PRO B 153 3.10 40.54 16.46
N GLN B 154 2.82 40.00 15.27
CA GLN B 154 3.02 38.58 14.91
C GLN B 154 2.08 37.62 15.68
N ARG B 155 1.06 38.20 16.32
CA ARG B 155 -0.07 37.43 16.84
C ARG B 155 -1.17 37.55 15.80
N VAL B 156 -1.64 36.39 15.37
CA VAL B 156 -2.28 36.22 14.08
C VAL B 156 -3.42 35.21 14.24
N VAL B 157 -4.46 35.32 13.41
CA VAL B 157 -5.58 34.37 13.48
C VAL B 157 -5.75 33.72 12.10
N ILE B 158 -5.77 32.39 12.08
CA ILE B 158 -6.01 31.65 10.85
C ILE B 158 -7.45 31.24 10.84
N THR B 159 -8.15 31.53 9.75
CA THR B 159 -9.57 31.26 9.67
C THR B 159 -9.98 30.78 8.29
N CYS B 160 -11.29 30.52 8.11
CA CYS B 160 -11.84 30.00 6.85
C CYS B 160 -13.21 30.60 6.59
N PRO B 161 -13.72 30.48 5.34
CA PRO B 161 -15.06 30.96 4.93
C PRO B 161 -16.19 30.64 5.91
N GLN B 162 -16.21 29.44 6.49
CA GLN B 162 -17.32 29.07 7.36
C GLN B 162 -17.26 29.75 8.73
N ASP B 163 -16.05 30.12 9.16
CA ASP B 163 -15.90 30.80 10.44
C ASP B 163 -15.75 32.31 10.26
N PHE B 164 -15.46 32.74 9.04
CA PHE B 164 -15.17 34.16 8.78
C PHE B 164 -16.23 35.17 9.27
N PRO B 165 -17.53 34.92 9.02
CA PRO B 165 -18.59 35.83 9.49
C PRO B 165 -18.58 36.11 11.00
N HIS B 166 -17.93 35.24 11.78
CA HIS B 166 -17.89 35.33 13.24
C HIS B 166 -16.55 35.85 13.77
N CYS B 167 -15.83 36.61 12.94
CA CYS B 167 -14.49 37.10 13.32
C CYS B 167 -14.41 38.60 13.64
N SER B 168 -15.52 39.17 14.12
CA SER B 168 -15.53 40.59 14.49
C SER B 168 -14.50 40.96 15.54
N ILE B 169 -14.34 40.11 16.56
CA ILE B 169 -13.39 40.37 17.66
C ILE B 169 -11.92 40.54 17.21
N PRO B 170 -11.32 39.54 16.54
CA PRO B 170 -9.94 39.74 16.01
C PRO B 170 -9.79 40.95 15.08
N LEU B 171 -10.80 41.18 14.26
CA LEU B 171 -10.86 42.35 13.38
C LEU B 171 -10.85 43.66 14.17
N ARG B 172 -11.67 43.73 15.23
CA ARG B 172 -11.72 44.90 16.11
C ARG B 172 -10.41 45.18 16.83
N VAL B 173 -9.93 44.16 17.56
CA VAL B 173 -8.63 44.16 18.25
C VAL B 173 -7.45 44.50 17.34
N GLY B 174 -7.52 44.12 16.05
CA GLY B 174 -6.47 44.45 15.10
C GLY B 174 -5.55 43.30 14.70
N LEU B 175 -6.00 42.08 14.95
CA LEU B 175 -5.27 40.86 14.59
C LEU B 175 -5.53 40.51 13.12
N PRO B 176 -4.44 40.26 12.34
CA PRO B 176 -4.53 39.72 10.98
C PRO B 176 -5.37 38.44 10.89
N LEU B 177 -6.33 38.42 9.97
CA LEU B 177 -7.11 37.22 9.67
C LEU B 177 -6.57 36.62 8.39
N LEU B 178 -6.06 35.40 8.50
CA LEU B 178 -5.27 34.79 7.45
C LEU B 178 -5.86 33.50 6.91
N SER B 179 -5.61 33.24 5.64
CA SER B 179 -5.93 31.96 5.02
C SER B 179 -5.10 30.85 5.65
N PRO B 180 -5.64 29.63 5.72
CA PRO B 180 -4.83 28.46 6.08
C PRO B 180 -3.61 28.28 5.18
N GLU B 181 -3.67 28.86 3.98
CA GLU B 181 -2.56 28.80 3.01
C GLU B 181 -1.35 29.58 3.52
N PHE B 182 -1.56 30.49 4.47
CA PHE B 182 -0.44 31.17 5.12
C PHE B 182 0.54 30.13 5.66
N LEU B 183 0.00 29.02 6.17
CA LEU B 183 0.82 27.91 6.65
C LEU B 183 1.03 26.84 5.56
N LEU B 184 -0.05 26.40 4.93
CA LEU B 184 0.04 25.34 3.91
C LEU B 184 1.03 25.67 2.80
N THR B 185 0.99 26.90 2.30
CA THR B 185 1.98 27.38 1.33
C THR B 185 3.27 27.85 2.01
N GLY B 186 3.13 28.60 3.10
CA GLY B 186 4.27 29.17 3.81
C GLY B 186 5.26 28.19 4.40
N VAL B 187 4.77 27.18 5.10
CA VAL B 187 5.63 26.17 5.72
C VAL B 187 6.39 25.39 4.66
N LEU B 188 5.65 24.91 3.67
CA LEU B 188 6.20 24.20 2.51
C LEU B 188 7.31 24.97 1.81
N LYS B 189 7.14 26.27 1.65
CA LYS B 189 8.11 27.12 0.94
C LYS B 189 9.18 27.63 1.90
N GLN B 190 8.95 27.43 3.18
CA GLN B 190 9.68 28.10 4.25
C GLN B 190 9.88 29.61 4.01
N GLU B 191 8.76 30.28 3.75
CA GLU B 191 8.69 31.74 3.62
C GLU B 191 7.40 32.24 4.28
N ALA B 192 7.52 33.01 5.35
CA ALA B 192 6.35 33.55 6.06
C ALA B 192 5.98 34.95 5.57
N LYS B 193 4.84 35.04 4.89
CA LYS B 193 4.37 36.32 4.34
C LYS B 193 2.89 36.58 4.67
N PRO B 194 2.61 37.10 5.89
CA PRO B 194 1.24 37.32 6.42
C PRO B 194 0.42 38.29 5.56
N GLU B 195 1.10 39.27 4.98
CA GLU B 195 0.49 40.29 4.12
C GLU B 195 -0.20 39.69 2.90
N ALA B 196 0.28 38.52 2.46
CA ALA B 196 -0.18 37.93 1.22
C ALA B 196 -1.36 36.95 1.41
N PHE B 197 -1.74 36.72 2.66
CA PHE B 197 -2.77 35.74 2.98
C PHE B 197 -3.89 36.31 3.86
N VAL B 198 -4.05 37.62 3.83
CA VAL B 198 -5.16 38.28 4.52
C VAL B 198 -6.47 37.82 3.87
N LEU B 199 -7.40 37.36 4.71
CA LEU B 199 -8.67 36.89 4.24
C LEU B 199 -9.69 38.02 4.14
N SER B 200 -10.42 38.03 3.03
CA SER B 200 -11.62 38.84 2.90
C SER B 200 -12.80 37.93 2.52
N PRO B 201 -14.06 38.41 2.65
CA PRO B 201 -15.24 37.62 2.22
C PRO B 201 -15.19 37.20 0.75
N LEU B 202 -15.63 35.97 0.47
CA LEU B 202 -15.65 35.43 -0.91
C LEU B 202 -16.25 36.43 -1.89
N GLU B 203 -15.49 36.71 -2.95
CA GLU B 203 -15.80 37.83 -3.85
C GLU B 203 -16.66 37.39 -5.04
N ALA C 6 -0.85 -36.09 -17.76
CA ALA C 6 -1.59 -35.48 -16.62
C ALA C 6 -1.04 -34.09 -16.27
N GLN C 8 0.49 -31.12 -14.34
CA GLN C 8 1.58 -30.99 -13.40
C GLN C 8 1.13 -30.49 -12.04
N GLU C 9 1.54 -31.19 -10.98
CA GLU C 9 1.37 -30.72 -9.60
C GLU C 9 2.65 -30.04 -9.14
N TYR C 10 2.51 -29.02 -8.30
CA TYR C 10 3.68 -28.26 -7.86
C TYR C 10 3.90 -28.32 -6.34
N ALA D 6 -5.96 6.29 4.73
CA ALA D 6 -4.84 7.11 4.19
C ALA D 6 -4.78 8.52 4.79
N GLN D 8 -4.70 12.37 5.21
CA GLN D 8 -5.33 13.48 4.49
C GLN D 8 -4.28 14.46 3.96
N GLU D 9 -4.47 14.86 2.71
CA GLU D 9 -3.65 15.90 2.10
C GLU D 9 -4.48 17.19 2.04
N TYR D 10 -3.81 18.33 2.03
CA TYR D 10 -4.49 19.62 2.10
C TYR D 10 -3.97 20.58 1.08
#